data_8TS4
#
_entry.id   8TS4
#
_cell.length_a   93.031
_cell.length_b   93.031
_cell.length_c   105.701
_cell.angle_alpha   90.000
_cell.angle_beta   90.000
_cell.angle_gamma   90.000
#
_symmetry.space_group_name_H-M   'P 42 21 2'
#
loop_
_entity.id
_entity.type
_entity.pdbx_description
1 polymer 'Hypoxanthine-guanine phosphoribosyltransferase'
2 non-polymer 'MAGNESIUM ION'
3 non-polymer '(3-{(2S,4S)-4-(2-amino-6-oxo-1,6-dihydro-9H-purin-9-yl)-2-[(2-phosphonoethoxy)methyl]pyrrolidin-1-yl}-3-oxopropyl)phosphonic acid'
4 water water
#
_entity_poly.entity_id   1
_entity_poly.type   'polypeptide(L)'
_entity_poly.pdbx_seq_one_letter_code
;MEPACKYDFATSVLFTEAELHTRMRGVAQRIADDYSNCNLKPLENPLVIVSVLKGSFVFTADMVRILGDFGVPTRVEFLR
ASSYGHDTKSCGRVDVKADGLCDIRGKHVLVLEDILDTALTLREVVDSLKKSEPASIKTLVAIDKPGGRKIPFTAEYVVA
DVPNVFVVGYGLDYDQSYREVRDVVILKPSVYETWGKELERRKAAGEAKR
;
_entity_poly.pdbx_strand_id   A,B
#
loop_
_chem_comp.id
_chem_comp.type
_chem_comp.name
_chem_comp.formula
KFF non-polymer '(3-{(2S,4S)-4-(2-amino-6-oxo-1,6-dihydro-9H-purin-9-yl)-2-[(2-phosphonoethoxy)methyl]pyrrolidin-1-yl}-3-oxopropyl)phosphonic acid' 'C15 H24 N6 O9 P2'
MG non-polymer 'MAGNESIUM ION' 'Mg 2'
#
# COMPACT_ATOMS: atom_id res chain seq x y z
N PRO A 3 25.75 -9.77 -17.71
CA PRO A 3 24.71 -8.84 -17.27
C PRO A 3 23.30 -9.26 -17.69
N ALA A 4 22.98 -9.12 -18.99
CA ALA A 4 21.69 -9.52 -19.55
C ALA A 4 20.50 -9.09 -18.70
N CYS A 5 20.48 -9.45 -17.41
CA CYS A 5 19.40 -9.03 -16.53
C CYS A 5 19.50 -7.55 -16.19
N LYS A 6 18.36 -6.87 -16.22
CA LYS A 6 18.33 -5.44 -15.91
C LYS A 6 18.86 -5.14 -14.51
N TYR A 7 18.64 -6.04 -13.56
CA TYR A 7 19.02 -5.82 -12.16
C TYR A 7 20.30 -6.57 -11.84
N ASP A 8 21.33 -5.84 -11.39
CA ASP A 8 22.60 -6.48 -11.07
C ASP A 8 22.49 -7.43 -9.88
N PHE A 9 21.41 -7.36 -9.10
CA PHE A 9 21.20 -8.22 -7.94
C PHE A 9 20.33 -9.44 -8.23
N ALA A 10 19.86 -9.61 -9.47
CA ALA A 10 18.92 -10.67 -9.81
C ALA A 10 19.49 -11.52 -10.95
N THR A 11 19.26 -12.84 -10.90
CA THR A 11 19.69 -13.65 -12.02
C THR A 11 18.75 -13.50 -13.20
N SER A 12 17.49 -13.20 -12.97
CA SER A 12 16.52 -13.13 -14.05
C SER A 12 15.22 -12.52 -13.51
N VAL A 13 14.43 -11.97 -14.43
CA VAL A 13 13.13 -11.38 -14.13
C VAL A 13 12.04 -12.40 -14.46
N LEU A 14 11.15 -12.65 -13.49
CA LEU A 14 10.11 -13.66 -13.67
C LEU A 14 8.78 -13.07 -14.09
N PHE A 15 8.32 -11.99 -13.44
CA PHE A 15 7.11 -11.30 -13.86
C PHE A 15 7.36 -9.79 -13.81
N THR A 16 7.14 -9.11 -14.94
CA THR A 16 7.25 -7.66 -14.93
C THR A 16 6.02 -7.05 -14.27
N GLU A 17 6.17 -5.80 -13.83
CA GLU A 17 5.06 -4.99 -13.34
C GLU A 17 3.86 -5.06 -14.28
N ALA A 18 4.11 -4.88 -15.58
CA ALA A 18 3.04 -4.91 -16.58
C ALA A 18 2.38 -6.29 -16.65
N GLU A 19 3.17 -7.37 -16.64
CA GLU A 19 2.60 -8.72 -16.66
C GLU A 19 1.74 -8.97 -15.42
N LEU A 20 2.21 -8.51 -14.26
CA LEU A 20 1.44 -8.66 -13.03
C LEU A 20 0.12 -7.91 -13.11
N HIS A 21 0.15 -6.66 -13.60
CA HIS A 21 -1.11 -5.91 -13.74
C HIS A 21 -2.05 -6.58 -14.74
N THR A 22 -1.52 -7.04 -15.88
CA THR A 22 -2.35 -7.79 -16.82
C THR A 22 -3.01 -8.97 -16.13
N ARG A 23 -2.22 -9.78 -15.41
CA ARG A 23 -2.81 -10.92 -14.71
C ARG A 23 -3.82 -10.47 -13.67
N MET A 24 -3.53 -9.36 -12.98
CA MET A 24 -4.42 -8.85 -11.95
C MET A 24 -5.74 -8.33 -12.53
N ARG A 25 -5.70 -7.77 -13.75
CA ARG A 25 -6.94 -7.40 -14.44
C ARG A 25 -7.79 -8.62 -14.77
N GLY A 26 -7.16 -9.72 -15.21
CA GLY A 26 -7.91 -10.95 -15.42
C GLY A 26 -8.58 -11.44 -14.14
N VAL A 27 -7.84 -11.42 -13.03
CA VAL A 27 -8.43 -11.78 -11.75
C VAL A 27 -9.57 -10.82 -11.39
N ALA A 28 -9.37 -9.51 -11.62
CA ALA A 28 -10.41 -8.56 -11.22
C ALA A 28 -11.70 -8.75 -12.02
N GLN A 29 -11.59 -9.15 -13.28
CA GLN A 29 -12.80 -9.44 -14.03
C GLN A 29 -13.55 -10.60 -13.40
N ARG A 30 -12.83 -11.64 -13.00
CA ARG A 30 -13.45 -12.79 -12.37
C ARG A 30 -14.12 -12.39 -11.06
N ILE A 31 -13.45 -11.54 -10.28
CA ILE A 31 -14.02 -11.11 -9.00
C ILE A 31 -15.26 -10.26 -9.22
N ALA A 32 -15.23 -9.38 -10.23
CA ALA A 32 -16.39 -8.56 -10.55
C ALA A 32 -17.60 -9.44 -10.87
N ASP A 33 -17.39 -10.50 -11.67
CA ASP A 33 -18.47 -11.42 -12.02
C ASP A 33 -18.88 -12.27 -10.82
N ASP A 34 -17.90 -12.73 -10.04
CA ASP A 34 -18.20 -13.59 -8.91
C ASP A 34 -18.99 -12.85 -7.85
N TYR A 35 -18.77 -11.55 -7.70
CA TYR A 35 -19.50 -10.81 -6.67
C TYR A 35 -20.62 -9.95 -7.24
N SER A 36 -20.95 -10.13 -8.53
CA SER A 36 -21.96 -9.26 -9.12
C SER A 36 -23.32 -9.47 -8.46
N ASN A 37 -23.58 -10.66 -7.93
CA ASN A 37 -24.85 -10.94 -7.24
C ASN A 37 -24.81 -10.54 -5.77
N CYS A 38 -23.80 -9.76 -5.36
CA CYS A 38 -23.65 -9.28 -3.98
C CYS A 38 -23.97 -7.79 -3.83
N ASN A 39 -24.23 -7.09 -4.92
CA ASN A 39 -24.54 -5.65 -4.92
C ASN A 39 -23.58 -4.88 -4.00
N LEU A 40 -22.28 -5.01 -4.27
CA LEU A 40 -21.28 -4.24 -3.55
C LEU A 40 -21.43 -2.76 -3.87
N LYS A 41 -21.30 -1.90 -2.84
CA LYS A 41 -21.42 -0.43 -2.97
C LYS A 41 -20.46 0.22 -1.98
N PRO A 42 -19.86 1.36 -2.33
CA PRO A 42 -19.12 2.12 -1.31
C PRO A 42 -20.02 2.45 -0.12
N LEU A 43 -19.44 2.44 1.08
CA LEU A 43 -20.11 2.82 2.31
C LEU A 43 -21.16 1.78 2.73
N GLU A 44 -22.18 1.56 1.90
CA GLU A 44 -23.24 0.63 2.29
C GLU A 44 -22.73 -0.81 2.33
N ASN A 45 -21.85 -1.17 1.40
CA ASN A 45 -21.52 -2.58 1.26
C ASN A 45 -20.26 -2.82 0.44
N PRO A 46 -19.11 -2.26 0.83
CA PRO A 46 -17.87 -2.58 0.12
C PRO A 46 -17.39 -4.00 0.40
N LEU A 47 -16.58 -4.52 -0.53
CA LEU A 47 -15.82 -5.75 -0.27
C LEU A 47 -14.71 -5.43 0.73
N VAL A 48 -14.61 -6.20 1.80
CA VAL A 48 -13.62 -5.95 2.84
C VAL A 48 -12.32 -6.66 2.44
N ILE A 49 -11.31 -5.88 2.08
CA ILE A 49 -9.99 -6.40 1.76
C ILE A 49 -9.21 -6.51 3.07
N VAL A 50 -8.76 -7.73 3.39
CA VAL A 50 -7.91 -7.96 4.55
C VAL A 50 -6.50 -8.26 4.03
N SER A 51 -5.59 -7.32 4.21
CA SER A 51 -4.22 -7.44 3.72
C SER A 51 -3.33 -8.04 4.80
N VAL A 52 -2.66 -9.12 4.46
CA VAL A 52 -1.87 -9.92 5.39
C VAL A 52 -0.41 -9.90 4.97
N LEU A 53 0.47 -9.70 5.94
CA LEU A 53 1.92 -9.70 5.79
C LEU A 53 2.40 -8.30 5.38
N LYS A 54 3.49 -7.83 6.00
CA LYS A 54 3.96 -6.46 5.79
C LYS A 54 4.13 -6.13 4.31
N GLY A 55 4.78 -7.02 3.55
CA GLY A 55 5.12 -6.70 2.17
C GLY A 55 3.92 -6.59 1.23
N SER A 56 2.75 -7.05 1.66
CA SER A 56 1.58 -7.07 0.79
C SER A 56 1.03 -5.67 0.51
N PHE A 57 1.58 -4.59 1.10
CA PHE A 57 1.04 -3.26 0.86
C PHE A 57 1.09 -2.88 -0.61
N VAL A 58 2.08 -3.41 -1.35
CA VAL A 58 2.23 -3.05 -2.76
C VAL A 58 1.14 -3.71 -3.60
N PHE A 59 1.10 -5.03 -3.57
CA PHE A 59 -0.02 -5.78 -4.14
C PHE A 59 -1.35 -5.14 -3.79
N THR A 60 -1.56 -4.86 -2.50
CA THR A 60 -2.86 -4.37 -2.04
C THR A 60 -3.18 -3.01 -2.65
N ALA A 61 -2.21 -2.09 -2.65
CA ALA A 61 -2.45 -0.80 -3.30
C ALA A 61 -2.84 -0.97 -4.77
N ASP A 62 -2.10 -1.78 -5.53
CA ASP A 62 -2.42 -1.92 -6.95
C ASP A 62 -3.73 -2.65 -7.15
N MET A 63 -3.99 -3.66 -6.32
CA MET A 63 -5.16 -4.52 -6.52
C MET A 63 -6.46 -3.78 -6.22
N VAL A 64 -6.54 -2.98 -5.14
CA VAL A 64 -7.81 -2.29 -4.89
C VAL A 64 -8.09 -1.29 -6.00
N ARG A 65 -7.06 -0.65 -6.53
CA ARG A 65 -7.28 0.30 -7.61
C ARG A 65 -7.78 -0.42 -8.87
N ILE A 66 -7.19 -1.58 -9.18
CA ILE A 66 -7.67 -2.33 -10.33
C ILE A 66 -9.08 -2.86 -10.09
N LEU A 67 -9.36 -3.35 -8.88
CA LEU A 67 -10.74 -3.76 -8.56
C LEU A 67 -11.71 -2.60 -8.76
N GLY A 68 -11.31 -1.38 -8.37
CA GLY A 68 -12.12 -0.22 -8.63
C GLY A 68 -12.35 0.04 -10.11
N ASP A 69 -11.29 -0.09 -10.93
CA ASP A 69 -11.49 0.02 -12.37
C ASP A 69 -12.59 -0.92 -12.84
N PHE A 70 -12.74 -2.06 -12.18
CA PHE A 70 -13.70 -3.07 -12.60
C PHE A 70 -15.03 -2.97 -11.84
N GLY A 71 -15.30 -1.85 -11.16
CA GLY A 71 -16.56 -1.71 -10.44
C GLY A 71 -16.69 -2.52 -9.16
N VAL A 72 -15.58 -2.90 -8.52
CA VAL A 72 -15.65 -3.58 -7.22
C VAL A 72 -15.13 -2.60 -6.17
N PRO A 73 -16.01 -1.95 -5.41
CA PRO A 73 -15.54 -1.03 -4.36
C PRO A 73 -15.09 -1.79 -3.12
N THR A 74 -14.10 -1.23 -2.42
CA THR A 74 -13.47 -1.91 -1.31
C THR A 74 -13.31 -0.99 -0.09
N ARG A 75 -13.03 -1.63 1.05
CA ARG A 75 -12.41 -0.98 2.19
C ARG A 75 -11.33 -1.94 2.68
N VAL A 76 -10.33 -1.42 3.38
CA VAL A 76 -9.11 -2.18 3.61
C VAL A 76 -8.85 -2.29 5.11
N GLU A 77 -8.37 -3.46 5.52
CA GLU A 77 -7.83 -3.69 6.86
C GLU A 77 -6.48 -4.35 6.69
N PHE A 78 -5.56 -4.08 7.64
CA PHE A 78 -4.21 -4.62 7.62
C PHE A 78 -3.98 -5.52 8.83
N LEU A 79 -3.44 -6.71 8.60
CA LEU A 79 -3.09 -7.63 9.69
C LEU A 79 -1.59 -7.67 9.93
N CYS A 102 -13.39 -7.46 13.56
CA CYS A 102 -13.54 -6.01 13.63
C CYS A 102 -15.01 -5.64 13.52
N ASP A 103 -15.44 -5.27 12.30
CA ASP A 103 -16.84 -5.04 11.96
C ASP A 103 -17.10 -5.62 10.56
N ILE A 104 -17.14 -6.95 10.48
CA ILE A 104 -17.28 -7.67 9.23
C ILE A 104 -18.45 -8.62 9.20
N ARG A 105 -19.25 -8.69 10.26
CA ARG A 105 -20.40 -9.58 10.27
C ARG A 105 -21.32 -9.25 9.10
N GLY A 106 -21.64 -10.25 8.28
CA GLY A 106 -22.51 -10.03 7.15
C GLY A 106 -21.86 -9.35 5.96
N LYS A 107 -20.56 -9.10 6.01
CA LYS A 107 -19.85 -8.48 4.90
C LYS A 107 -19.00 -9.53 4.19
N HIS A 108 -18.75 -9.29 2.90
CA HIS A 108 -17.87 -10.16 2.13
C HIS A 108 -16.42 -9.78 2.38
N VAL A 109 -15.58 -10.78 2.61
CA VAL A 109 -14.18 -10.57 2.94
C VAL A 109 -13.30 -11.24 1.89
N LEU A 110 -12.29 -10.52 1.41
CA LEU A 110 -11.30 -11.06 0.49
C LEU A 110 -9.92 -10.80 1.10
N VAL A 111 -9.24 -11.87 1.49
CA VAL A 111 -7.93 -11.78 2.11
C VAL A 111 -6.88 -11.69 1.02
N LEU A 112 -6.02 -10.68 1.10
CA LEU A 112 -4.92 -10.51 0.17
C LEU A 112 -3.59 -10.84 0.85
N GLU A 113 -2.74 -11.57 0.14
CA GLU A 113 -1.39 -11.84 0.59
C GLU A 113 -0.47 -11.80 -0.62
N ASP A 114 0.72 -11.19 -0.45
CA ASP A 114 1.61 -11.14 -1.62
C ASP A 114 2.22 -12.50 -1.93
N ILE A 115 2.46 -13.36 -0.94
CA ILE A 115 3.01 -14.68 -1.23
C ILE A 115 2.36 -15.73 -0.34
N LEU A 116 1.93 -16.82 -0.97
CA LEU A 116 1.41 -17.99 -0.31
C LEU A 116 2.44 -19.11 -0.46
N ASP A 117 2.93 -19.63 0.66
CA ASP A 117 4.03 -20.59 0.65
C ASP A 117 3.66 -21.82 1.45
N THR A 118 3.86 -21.78 2.77
CA THR A 118 3.46 -22.93 3.58
C THR A 118 1.95 -22.98 3.78
N ALA A 119 1.26 -21.86 3.63
CA ALA A 119 -0.17 -21.68 3.84
C ALA A 119 -0.49 -21.58 5.33
N LEU A 120 0.51 -21.65 6.21
CA LEU A 120 0.22 -21.66 7.64
C LEU A 120 -0.38 -20.33 8.09
N THR A 121 0.02 -19.23 7.49
CA THR A 121 -0.49 -17.92 7.89
C THR A 121 -1.94 -17.75 7.45
N LEU A 122 -2.21 -18.08 6.19
CA LEU A 122 -3.52 -17.84 5.60
C LEU A 122 -4.56 -18.77 6.22
N ARG A 123 -4.19 -20.02 6.50
CA ARG A 123 -5.07 -20.93 7.22
C ARG A 123 -5.49 -20.32 8.56
N GLU A 124 -4.52 -19.80 9.34
CA GLU A 124 -4.84 -19.18 10.62
C GLU A 124 -5.71 -17.94 10.44
N VAL A 125 -5.42 -17.10 9.44
CA VAL A 125 -6.16 -15.86 9.27
C VAL A 125 -7.60 -16.15 8.86
N VAL A 126 -7.78 -17.00 7.87
CA VAL A 126 -9.12 -17.38 7.43
C VAL A 126 -9.93 -17.95 8.60
N ASP A 127 -9.34 -18.89 9.36
CA ASP A 127 -10.07 -19.53 10.45
C ASP A 127 -10.47 -18.51 11.51
N SER A 128 -9.59 -17.56 11.79
CA SER A 128 -9.91 -16.53 12.77
C SER A 128 -11.02 -15.62 12.27
N LEU A 129 -11.00 -15.26 10.99
CA LEU A 129 -12.02 -14.36 10.48
C LEU A 129 -13.40 -15.02 10.49
N LYS A 130 -13.46 -16.34 10.28
CA LYS A 130 -14.74 -17.03 10.31
C LYS A 130 -15.43 -16.85 11.65
N LYS A 131 -14.67 -16.72 12.73
CA LYS A 131 -15.30 -16.53 14.03
C LYS A 131 -16.09 -15.23 14.13
N SER A 132 -15.80 -14.24 13.26
CA SER A 132 -16.57 -13.00 13.18
C SER A 132 -17.76 -13.07 12.21
N GLU A 133 -18.03 -14.24 11.62
CA GLU A 133 -19.22 -14.47 10.81
C GLU A 133 -19.36 -13.49 9.65
N PRO A 134 -18.36 -13.35 8.79
CA PRO A 134 -18.57 -12.59 7.56
C PRO A 134 -19.52 -13.37 6.66
N ALA A 135 -20.14 -12.66 5.71
CA ALA A 135 -21.05 -13.33 4.79
C ALA A 135 -20.32 -14.32 3.91
N SER A 136 -19.06 -14.05 3.58
CA SER A 136 -18.26 -14.97 2.78
C SER A 136 -16.79 -14.61 2.94
N ILE A 137 -15.92 -15.59 2.69
CA ILE A 137 -14.48 -15.39 2.75
CA ILE A 137 -14.47 -15.42 2.77
C ILE A 137 -13.83 -16.11 1.58
N LYS A 138 -12.90 -15.42 0.93
CA LYS A 138 -12.09 -15.95 -0.15
C LYS A 138 -10.69 -15.37 0.03
N THR A 139 -9.72 -15.94 -0.67
CA THR A 139 -8.35 -15.46 -0.59
C THR A 139 -7.82 -15.20 -2.00
N LEU A 140 -6.96 -14.20 -2.11
CA LEU A 140 -6.33 -13.79 -3.37
C LEU A 140 -4.87 -13.51 -3.07
N VAL A 141 -3.95 -14.19 -3.76
CA VAL A 141 -2.53 -14.06 -3.51
C VAL A 141 -1.82 -13.65 -4.80
N ALA A 142 -0.81 -12.79 -4.68
CA ALA A 142 -0.07 -12.38 -5.87
C ALA A 142 0.80 -13.53 -6.39
N ILE A 143 1.55 -14.19 -5.49
CA ILE A 143 2.52 -15.22 -5.83
C ILE A 143 2.18 -16.47 -5.04
N ASP A 144 1.82 -17.53 -5.75
CA ASP A 144 1.62 -18.82 -5.12
C ASP A 144 2.85 -19.68 -5.37
N LYS A 145 3.34 -20.31 -4.31
CA LYS A 145 4.51 -21.18 -4.36
C LYS A 145 4.01 -22.55 -3.95
N PRO A 146 3.33 -23.27 -4.85
CA PRO A 146 2.68 -24.53 -4.43
C PRO A 146 3.64 -25.50 -3.78
N GLY A 147 4.91 -25.45 -4.16
CA GLY A 147 5.87 -26.39 -3.61
C GLY A 147 6.13 -26.22 -2.13
N GLY A 148 5.68 -25.13 -1.53
CA GLY A 148 6.04 -24.90 -0.14
C GLY A 148 5.02 -25.33 0.88
N ARG A 149 3.91 -25.95 0.47
CA ARG A 149 2.82 -26.23 1.39
C ARG A 149 3.26 -27.11 2.55
N LYS A 150 2.91 -26.70 3.76
CA LYS A 150 3.01 -27.58 4.91
C LYS A 150 1.65 -28.12 5.34
N ILE A 151 0.58 -27.50 4.85
CA ILE A 151 -0.79 -28.02 4.89
C ILE A 151 -1.41 -27.77 3.52
N PRO A 152 -2.44 -28.54 3.17
CA PRO A 152 -3.13 -28.32 1.90
C PRO A 152 -3.90 -27.01 1.94
N PHE A 153 -3.80 -26.24 0.86
CA PHE A 153 -4.48 -24.94 0.82
C PHE A 153 -4.48 -24.43 -0.60
N THR A 154 -5.66 -24.07 -1.08
CA THR A 154 -5.83 -23.49 -2.41
C THR A 154 -6.47 -22.13 -2.24
N ALA A 155 -5.81 -21.09 -2.73
CA ALA A 155 -6.41 -19.77 -2.80
C ALA A 155 -7.43 -19.72 -3.93
N GLU A 156 -8.56 -19.05 -3.71
CA GLU A 156 -9.55 -18.87 -4.77
C GLU A 156 -8.96 -18.13 -5.98
N TYR A 157 -8.03 -17.20 -5.76
CA TYR A 157 -7.52 -16.41 -6.86
C TYR A 157 -6.01 -16.33 -6.75
N VAL A 158 -5.31 -16.59 -7.85
CA VAL A 158 -3.87 -16.58 -7.86
C VAL A 158 -3.42 -15.76 -9.06
N VAL A 159 -2.65 -14.70 -8.80
CA VAL A 159 -2.11 -13.91 -9.91
C VAL A 159 -1.06 -14.71 -10.69
N ALA A 160 -0.03 -15.18 -10.00
CA ALA A 160 1.04 -15.94 -10.64
C ALA A 160 1.57 -17.03 -9.71
N ASP A 161 2.04 -18.11 -10.34
CA ASP A 161 2.78 -19.21 -9.74
C ASP A 161 4.28 -18.95 -9.81
N VAL A 162 4.99 -19.43 -8.81
CA VAL A 162 6.46 -19.39 -8.84
C VAL A 162 6.99 -20.77 -8.45
N PRO A 163 8.02 -21.26 -9.12
CA PRO A 163 8.63 -22.55 -8.72
C PRO A 163 9.51 -22.33 -7.50
N ASN A 164 10.18 -23.39 -7.09
CA ASN A 164 11.09 -23.26 -5.96
C ASN A 164 12.30 -22.45 -6.39
N VAL A 165 12.34 -21.20 -5.93
CA VAL A 165 13.39 -20.24 -6.23
C VAL A 165 13.08 -19.01 -5.39
N PHE A 166 14.10 -18.37 -4.84
CA PHE A 166 13.87 -17.27 -3.93
C PHE A 166 13.72 -15.97 -4.71
N VAL A 167 12.52 -15.38 -4.66
CA VAL A 167 12.22 -14.18 -5.43
C VAL A 167 12.04 -12.98 -4.49
N VAL A 168 12.28 -11.79 -5.04
CA VAL A 168 12.04 -10.53 -4.34
C VAL A 168 11.34 -9.58 -5.32
N GLY A 169 10.85 -8.47 -4.79
CA GLY A 169 10.19 -7.46 -5.59
C GLY A 169 8.68 -7.48 -5.41
N TYR A 170 8.04 -6.43 -5.91
CA TYR A 170 6.60 -6.29 -5.79
C TYR A 170 6.14 -6.51 -4.36
N GLY A 171 6.84 -5.90 -3.42
CA GLY A 171 6.53 -6.04 -2.02
C GLY A 171 7.30 -7.12 -1.29
N LEU A 172 7.70 -8.18 -2.00
CA LEU A 172 8.46 -9.27 -1.40
C LEU A 172 9.91 -8.82 -1.14
N ASP A 173 10.42 -9.17 0.05
CA ASP A 173 11.70 -8.65 0.50
C ASP A 173 12.76 -9.76 0.58
N TYR A 174 14.02 -9.33 0.68
CA TYR A 174 15.06 -10.11 1.33
C TYR A 174 15.69 -9.27 2.43
N ASP A 175 15.58 -9.73 3.67
CA ASP A 175 15.96 -8.98 4.88
C ASP A 175 15.56 -7.49 4.80
N GLN A 176 14.29 -7.25 4.45
CA GLN A 176 13.62 -5.95 4.41
C GLN A 176 14.00 -5.09 3.19
N SER A 177 14.98 -5.48 2.39
CA SER A 177 15.31 -4.73 1.18
C SER A 177 14.62 -5.33 -0.04
N TYR A 178 14.62 -4.56 -1.13
CA TYR A 178 14.17 -4.95 -2.47
C TYR A 178 12.67 -5.08 -2.62
N ARG A 179 11.87 -4.75 -1.61
CA ARG A 179 10.42 -4.72 -1.80
C ARG A 179 10.01 -3.74 -2.89
N GLU A 180 10.77 -2.64 -3.05
CA GLU A 180 10.42 -1.59 -4.00
C GLU A 180 10.69 -1.97 -5.46
N VAL A 181 11.42 -3.06 -5.71
CA VAL A 181 11.64 -3.50 -7.08
C VAL A 181 10.30 -3.67 -7.76
N ARG A 182 10.18 -3.19 -8.99
CA ARG A 182 8.86 -3.15 -9.61
C ARG A 182 8.42 -4.49 -10.17
N ASP A 183 9.36 -5.37 -10.51
CA ASP A 183 9.10 -6.71 -11.01
C ASP A 183 9.41 -7.76 -9.95
N VAL A 184 8.91 -8.95 -10.19
CA VAL A 184 9.26 -10.11 -9.38
C VAL A 184 10.48 -10.76 -10.02
N VAL A 185 11.56 -10.89 -9.25
CA VAL A 185 12.84 -11.30 -9.79
C VAL A 185 13.46 -12.37 -8.89
N ILE A 186 14.32 -13.19 -9.49
CA ILE A 186 15.06 -14.20 -8.74
C ILE A 186 16.29 -13.55 -8.15
N LEU A 187 16.42 -13.60 -6.83
CA LEU A 187 17.56 -13.01 -6.17
C LEU A 187 18.82 -13.84 -6.44
N LYS A 188 19.88 -13.17 -6.88
CA LYS A 188 21.10 -13.89 -7.21
C LYS A 188 21.67 -14.56 -5.95
N PRO A 189 21.94 -15.86 -5.98
CA PRO A 189 22.40 -16.54 -4.76
C PRO A 189 23.54 -15.83 -4.05
N SER A 190 24.42 -15.14 -4.80
CA SER A 190 25.57 -14.50 -4.17
C SER A 190 25.15 -13.46 -3.15
N VAL A 191 23.99 -12.83 -3.35
CA VAL A 191 23.56 -11.75 -2.47
C VAL A 191 23.24 -12.27 -1.07
N TYR A 192 22.44 -13.35 -0.98
CA TYR A 192 22.04 -13.80 0.36
C TYR A 192 23.10 -14.68 1.02
N GLU A 193 23.92 -15.39 0.23
CA GLU A 193 25.03 -16.10 0.84
C GLU A 193 25.93 -15.14 1.60
N THR A 194 26.50 -14.15 0.91
CA THR A 194 27.34 -13.16 1.55
C THR A 194 26.63 -12.51 2.74
N TRP A 195 25.42 -11.99 2.51
CA TRP A 195 24.66 -11.32 3.55
C TRP A 195 24.27 -12.32 4.64
N CYS B 5 -17.65 15.11 -14.70
CA CYS B 5 -16.88 14.28 -13.77
C CYS B 5 -17.37 12.84 -13.81
N LYS B 6 -16.44 11.92 -14.04
CA LYS B 6 -16.78 10.51 -14.23
C LYS B 6 -17.08 9.77 -12.92
N TYR B 7 -16.78 10.36 -11.76
CA TYR B 7 -17.12 9.75 -10.47
C TYR B 7 -18.43 10.36 -9.98
N ASP B 8 -19.45 9.52 -9.79
CA ASP B 8 -20.78 9.99 -9.40
C ASP B 8 -20.79 10.56 -7.99
N PHE B 9 -19.81 10.22 -7.17
CA PHE B 9 -19.73 10.64 -5.77
C PHE B 9 -18.87 11.87 -5.58
N ALA B 10 -18.35 12.45 -6.67
CA ALA B 10 -17.37 13.53 -6.59
C ALA B 10 -17.88 14.75 -7.33
N THR B 11 -17.52 15.91 -6.78
CA THR B 11 -17.80 17.18 -7.42
C THR B 11 -16.89 17.37 -8.64
N SER B 12 -15.62 16.96 -8.52
CA SER B 12 -14.72 16.96 -9.66
C SER B 12 -13.41 16.31 -9.24
N VAL B 13 -12.63 15.92 -10.24
CA VAL B 13 -11.28 15.44 -10.03
C VAL B 13 -10.38 16.63 -9.71
N LEU B 14 -9.55 16.49 -8.68
CA LEU B 14 -8.62 17.56 -8.35
C LEU B 14 -7.21 17.24 -8.86
N PHE B 15 -6.62 16.14 -8.40
CA PHE B 15 -5.33 15.66 -8.90
C PHE B 15 -5.54 14.31 -9.56
N THR B 16 -5.17 14.21 -10.83
CA THR B 16 -5.16 12.91 -11.49
C THR B 16 -4.02 12.05 -10.95
N GLU B 17 -4.19 10.74 -11.08
CA GLU B 17 -3.10 9.80 -10.80
C GLU B 17 -1.80 10.24 -11.47
N ALA B 18 -1.86 10.54 -12.77
CA ALA B 18 -0.67 10.97 -13.51
C ALA B 18 -0.07 12.24 -12.91
N GLU B 19 -0.91 13.19 -12.45
CA GLU B 19 -0.36 14.40 -11.87
C GLU B 19 0.36 14.10 -10.57
N LEU B 20 -0.22 13.23 -9.75
CA LEU B 20 0.41 12.83 -8.50
C LEU B 20 1.76 12.17 -8.76
N HIS B 21 1.80 11.24 -9.74
CA HIS B 21 3.05 10.57 -10.07
C HIS B 21 4.08 11.54 -10.64
N THR B 22 3.66 12.45 -11.52
CA THR B 22 4.59 13.48 -12.01
C THR B 22 5.20 14.24 -10.83
N ARG B 23 4.36 14.66 -9.89
CA ARG B 23 4.87 15.43 -8.75
C ARG B 23 5.75 14.56 -7.86
N MET B 24 5.41 13.27 -7.76
CA MET B 24 6.24 12.39 -6.96
C MET B 24 7.59 12.15 -7.62
N ARG B 25 7.65 12.15 -8.95
CA ARG B 25 8.96 12.04 -9.60
C ARG B 25 9.80 13.29 -9.35
N GLY B 26 9.17 14.48 -9.31
CA GLY B 26 9.93 15.68 -8.96
C GLY B 26 10.52 15.61 -7.56
N VAL B 27 9.69 15.22 -6.59
CA VAL B 27 10.16 15.00 -5.22
C VAL B 27 11.27 13.95 -5.17
N ALA B 28 11.10 12.84 -5.90
CA ALA B 28 12.10 11.76 -5.88
C ALA B 28 13.47 12.26 -6.32
N GLN B 29 13.52 13.09 -7.37
CA GLN B 29 14.79 13.65 -7.83
C GLN B 29 15.47 14.47 -6.74
N ARG B 30 14.70 15.31 -6.05
CA ARG B 30 15.24 16.07 -4.91
C ARG B 30 15.76 15.13 -3.82
N ILE B 31 15.02 14.08 -3.48
CA ILE B 31 15.47 13.16 -2.44
C ILE B 31 16.76 12.46 -2.87
N ALA B 32 16.81 11.98 -4.12
CA ALA B 32 18.04 11.37 -4.61
C ALA B 32 19.21 12.35 -4.52
N ASP B 33 18.98 13.61 -4.87
CA ASP B 33 20.03 14.63 -4.73
C ASP B 33 20.37 14.87 -3.26
N ASP B 34 19.35 15.02 -2.41
CA ASP B 34 19.60 15.39 -1.02
C ASP B 34 20.38 14.31 -0.29
N TYR B 35 20.12 13.04 -0.60
CA TYR B 35 20.73 11.92 0.08
C TYR B 35 21.91 11.32 -0.68
N SER B 36 22.39 11.99 -1.73
CA SER B 36 23.35 11.36 -2.63
C SER B 36 24.70 11.10 -1.98
N ASN B 37 25.03 11.84 -0.93
CA ASN B 37 26.28 11.62 -0.19
C ASN B 37 26.06 10.73 1.03
N CYS B 38 24.90 10.13 1.16
CA CYS B 38 24.62 9.25 2.30
C CYS B 38 24.96 7.80 2.02
N ASN B 39 25.40 7.48 0.80
CA ASN B 39 25.78 6.13 0.42
C ASN B 39 24.67 5.11 0.75
N LEU B 40 23.45 5.41 0.28
CA LEU B 40 22.34 4.49 0.47
C LEU B 40 22.53 3.25 -0.41
N LYS B 41 22.32 2.07 0.16
CA LYS B 41 22.30 0.87 -0.67
C LYS B 41 21.45 -0.19 0.01
N PRO B 42 20.88 -1.11 -0.76
CA PRO B 42 20.06 -2.16 -0.15
C PRO B 42 20.87 -2.95 0.87
N LEU B 43 20.16 -3.50 1.86
CA LEU B 43 20.78 -4.34 2.88
C LEU B 43 21.70 -3.53 3.77
N GLU B 44 22.80 -3.05 3.19
CA GLU B 44 23.81 -2.35 3.97
C GLU B 44 23.26 -1.08 4.60
N ASN B 45 22.51 -0.27 3.85
CA ASN B 45 22.17 1.05 4.34
C ASN B 45 20.99 1.65 3.59
N PRO B 46 19.81 1.02 3.63
CA PRO B 46 18.66 1.57 2.92
C PRO B 46 18.12 2.80 3.61
N LEU B 47 17.40 3.63 2.86
CA LEU B 47 16.62 4.67 3.50
C LEU B 47 15.44 4.03 4.23
N VAL B 48 15.22 4.39 5.48
CA VAL B 48 14.16 3.78 6.27
C VAL B 48 12.87 4.58 6.07
N ILE B 49 11.90 3.99 5.40
CA ILE B 49 10.60 4.62 5.16
C ILE B 49 9.68 4.24 6.33
N VAL B 50 9.21 5.25 7.08
CA VAL B 50 8.24 5.02 8.15
C VAL B 50 6.91 5.56 7.68
N SER B 51 5.99 4.66 7.36
CA SER B 51 4.70 5.01 6.79
C SER B 51 3.67 5.08 7.91
N VAL B 52 3.00 6.23 8.01
CA VAL B 52 2.07 6.56 9.08
C VAL B 52 0.67 6.75 8.49
N LEU B 53 -0.33 6.27 9.25
CA LEU B 53 -1.75 6.34 8.94
C LEU B 53 -2.12 5.26 7.95
N LYS B 54 -3.29 4.63 8.15
CA LYS B 54 -3.67 3.47 7.35
C LYS B 54 -3.71 3.77 5.86
N GLY B 55 -4.33 4.89 5.47
CA GLY B 55 -4.51 5.17 4.06
C GLY B 55 -3.21 5.38 3.30
N SER B 56 -2.08 5.50 4.01
CA SER B 56 -0.82 5.82 3.35
C SER B 56 -0.23 4.64 2.61
N PHE B 57 -0.87 3.46 2.61
CA PHE B 57 -0.29 2.34 1.86
C PHE B 57 -0.18 2.65 0.37
N VAL B 58 -1.14 3.40 -0.21
CA VAL B 58 -1.11 3.66 -1.65
C VAL B 58 0.04 4.59 -2.00
N PHE B 59 0.11 5.74 -1.32
CA PHE B 59 1.22 6.67 -1.50
C PHE B 59 2.55 5.97 -1.28
N THR B 60 2.65 5.18 -0.22
CA THR B 60 3.90 4.52 0.12
C THR B 60 4.29 3.48 -0.93
N ALA B 61 3.32 2.66 -1.38
CA ALA B 61 3.60 1.70 -2.44
C ALA B 61 4.13 2.39 -3.70
N ASP B 62 3.48 3.48 -4.13
CA ASP B 62 3.97 4.14 -5.34
C ASP B 62 5.30 4.83 -5.09
N MET B 63 5.44 5.49 -3.93
CA MET B 63 6.62 6.32 -3.70
C MET B 63 7.90 5.48 -3.61
N VAL B 64 7.86 4.32 -2.92
CA VAL B 64 9.11 3.55 -2.81
C VAL B 64 9.53 3.03 -4.17
N ARG B 65 8.57 2.68 -5.04
CA ARG B 65 8.93 2.23 -6.37
C ARG B 65 9.53 3.38 -7.18
N ILE B 66 8.99 4.58 -7.02
CA ILE B 66 9.54 5.72 -7.74
C ILE B 66 10.91 6.08 -7.21
N LEU B 67 11.08 6.04 -5.88
CA LEU B 67 12.40 6.29 -5.30
C LEU B 67 13.39 5.24 -5.80
N GLY B 68 12.92 4.00 -5.99
CA GLY B 68 13.76 2.99 -6.60
C GLY B 68 14.19 3.35 -8.00
N ASP B 69 13.26 3.85 -8.83
CA ASP B 69 13.67 4.28 -10.16
C ASP B 69 14.79 5.32 -10.08
N PHE B 70 14.80 6.14 -9.03
CA PHE B 70 15.78 7.21 -8.91
C PHE B 70 17.03 6.80 -8.14
N GLY B 71 17.25 5.50 -7.94
CA GLY B 71 18.44 5.05 -7.23
C GLY B 71 18.41 5.27 -5.75
N VAL B 72 17.23 5.35 -5.14
CA VAL B 72 17.16 5.46 -3.68
C VAL B 72 16.55 4.17 -3.11
N PRO B 73 17.36 3.24 -2.62
CA PRO B 73 16.81 2.00 -2.07
C PRO B 73 16.24 2.22 -0.67
N THR B 74 15.21 1.46 -0.35
CA THR B 74 14.48 1.69 0.89
C THR B 74 14.21 0.39 1.63
N ARG B 75 13.79 0.55 2.88
CA ARG B 75 13.05 -0.48 3.61
C ARG B 75 11.91 0.22 4.33
N VAL B 76 10.88 -0.54 4.68
CA VAL B 76 9.65 0.11 5.10
C VAL B 76 9.22 -0.40 6.47
N GLU B 77 8.60 0.50 7.23
CA GLU B 77 7.91 0.20 8.47
C GLU B 77 6.57 0.92 8.48
N PHE B 78 5.59 0.33 9.17
CA PHE B 78 4.26 0.92 9.24
C PHE B 78 3.89 1.30 10.67
N LEU B 79 3.21 2.43 10.81
CA LEU B 79 2.61 2.87 12.07
C LEU B 79 1.14 3.23 11.81
N ARG B 80 0.23 2.28 12.06
CA ARG B 80 -1.18 2.51 11.76
C ARG B 80 -2.01 1.89 12.89
N ALA B 81 -3.33 2.04 12.77
CA ALA B 81 -4.25 1.52 13.78
C ALA B 81 -5.49 0.91 13.12
N LEU B 101 10.90 2.03 17.67
CA LEU B 101 10.57 1.16 16.54
C LEU B 101 11.83 0.73 15.79
N CYS B 102 12.22 -0.53 15.98
CA CYS B 102 13.26 -1.16 15.18
C CYS B 102 14.62 -0.51 15.37
N ASP B 103 15.57 -0.81 14.48
CA ASP B 103 16.92 -0.26 14.56
CA ASP B 103 16.93 -0.27 14.55
C ASP B 103 17.01 0.92 13.60
N ILE B 104 16.69 2.10 14.12
CA ILE B 104 16.85 3.33 13.34
C ILE B 104 17.98 4.21 13.85
N ARG B 105 18.59 3.87 14.98
CA ARG B 105 19.73 4.64 15.46
C ARG B 105 20.85 4.63 14.44
N GLY B 106 21.28 5.82 14.02
CA GLY B 106 22.32 5.93 13.03
C GLY B 106 21.85 5.77 11.61
N LYS B 107 20.56 5.57 11.39
CA LYS B 107 20.02 5.39 10.05
C LYS B 107 19.35 6.67 9.56
N HIS B 108 19.17 6.78 8.26
CA HIS B 108 18.40 7.87 7.70
C HIS B 108 16.94 7.47 7.61
N VAL B 109 16.05 8.35 8.10
CA VAL B 109 14.63 8.05 8.20
C VAL B 109 13.84 9.10 7.41
N LEU B 110 12.91 8.63 6.60
CA LEU B 110 11.95 9.48 5.90
C LEU B 110 10.56 9.02 6.29
N VAL B 111 9.80 9.87 6.94
CA VAL B 111 8.45 9.56 7.39
C VAL B 111 7.49 9.94 6.27
N LEU B 112 6.65 8.99 5.84
CA LEU B 112 5.65 9.27 4.81
C LEU B 112 4.26 9.29 5.42
N GLU B 113 3.42 10.20 4.93
CA GLU B 113 2.02 10.25 5.34
C GLU B 113 1.18 10.77 4.18
N ASP B 114 0.01 10.14 3.94
CA ASP B 114 -0.74 10.59 2.77
C ASP B 114 -1.36 11.97 2.97
N ILE B 115 -1.65 12.36 4.22
CA ILE B 115 -2.22 13.67 4.46
C ILE B 115 -1.66 14.24 5.75
N LEU B 116 -1.26 15.49 5.69
CA LEU B 116 -0.79 16.28 6.83
C LEU B 116 -1.79 17.41 7.02
N ASP B 117 -2.39 17.48 8.21
CA ASP B 117 -3.50 18.39 8.44
C ASP B 117 -3.25 19.20 9.72
N THR B 118 -3.71 18.69 10.87
CA THR B 118 -3.40 19.37 12.14
C THR B 118 -1.91 19.29 12.49
N ALA B 119 -1.20 18.31 11.94
CA ALA B 119 0.19 17.97 12.25
C ALA B 119 0.37 17.36 13.63
N LEU B 120 -0.70 17.07 14.38
CA LEU B 120 -0.53 16.46 15.69
C LEU B 120 0.10 15.06 15.59
N THR B 121 -0.26 14.28 14.57
CA THR B 121 0.30 12.94 14.43
C THR B 121 1.78 12.99 14.09
N LEU B 122 2.13 13.74 13.03
CA LEU B 122 3.51 13.78 12.58
C LEU B 122 4.42 14.39 13.64
N ARG B 123 3.92 15.38 14.38
CA ARG B 123 4.75 15.97 15.43
C ARG B 123 5.14 14.92 16.45
N GLU B 124 4.19 14.08 16.85
CA GLU B 124 4.50 13.04 17.81
C GLU B 124 5.40 11.96 17.21
N VAL B 125 5.11 11.52 15.97
CA VAL B 125 5.90 10.44 15.39
C VAL B 125 7.37 10.87 15.28
N VAL B 126 7.58 12.10 14.78
CA VAL B 126 8.96 12.57 14.57
C VAL B 126 9.69 12.71 15.90
N ASP B 127 9.04 13.32 16.90
CA ASP B 127 9.73 13.51 18.17
C ASP B 127 10.05 12.18 18.83
N SER B 128 9.14 11.22 18.74
CA SER B 128 9.41 9.88 19.24
C SER B 128 10.61 9.26 18.52
N LEU B 129 10.59 9.30 17.19
CA LEU B 129 11.69 8.71 16.42
C LEU B 129 13.03 9.37 16.75
N LYS B 130 13.04 10.68 17.01
CA LYS B 130 14.28 11.36 17.36
C LYS B 130 14.88 10.85 18.65
N LYS B 131 14.07 10.29 19.56
CA LYS B 131 14.63 9.74 20.80
C LYS B 131 15.54 8.55 20.53
N SER B 132 15.47 7.97 19.33
CA SER B 132 16.36 6.88 18.93
C SER B 132 17.60 7.37 18.19
N GLU B 133 17.72 8.67 17.94
CA GLU B 133 18.91 9.30 17.40
C GLU B 133 19.25 8.76 16.01
N PRO B 134 18.31 8.80 15.06
CA PRO B 134 18.65 8.46 13.68
C PRO B 134 19.72 9.42 13.18
N ALA B 135 20.43 9.01 12.14
CA ALA B 135 21.39 9.91 11.50
C ALA B 135 20.69 11.16 10.98
N SER B 136 19.49 11.02 10.42
CA SER B 136 18.70 12.18 10.01
C SER B 136 17.25 11.72 9.87
N ILE B 137 16.34 12.70 9.91
CA ILE B 137 14.91 12.43 9.82
C ILE B 137 14.24 13.58 9.09
N LYS B 138 13.41 13.23 8.12
CA LYS B 138 12.63 14.18 7.34
C LYS B 138 11.26 13.56 7.09
N THR B 139 10.32 14.40 6.65
CA THR B 139 8.97 13.95 6.36
C THR B 139 8.63 14.27 4.90
N LEU B 140 7.85 13.38 4.31
CA LEU B 140 7.33 13.50 2.95
C LEU B 140 5.84 13.22 3.06
N VAL B 141 5.01 14.11 2.54
CA VAL B 141 3.56 13.91 2.61
C VAL B 141 2.98 14.09 1.22
N ALA B 142 1.93 13.30 0.92
CA ALA B 142 1.28 13.48 -0.38
C ALA B 142 0.39 14.71 -0.39
N ILE B 143 -0.48 14.86 0.60
CA ILE B 143 -1.42 16.00 0.68
C ILE B 143 -1.08 16.79 1.94
N ASP B 144 -0.73 18.06 1.77
CA ASP B 144 -0.58 18.99 2.87
C ASP B 144 -1.74 19.98 2.84
N LYS B 145 -2.43 20.11 3.98
CA LYS B 145 -3.44 21.16 4.17
C LYS B 145 -2.87 22.18 5.14
N PRO B 146 -2.11 23.17 4.67
CA PRO B 146 -1.52 24.15 5.60
C PRO B 146 -2.56 24.80 6.49
N GLY B 147 -3.78 24.97 6.01
CA GLY B 147 -4.80 25.63 6.79
C GLY B 147 -5.39 24.81 7.91
N GLY B 148 -4.98 23.55 8.08
CA GLY B 148 -5.51 22.73 9.14
C GLY B 148 -4.67 22.68 10.42
N ARG B 149 -3.55 23.41 10.48
CA ARG B 149 -2.56 23.20 11.53
C ARG B 149 -3.13 23.48 12.91
N LYS B 150 -2.78 22.64 13.88
CA LYS B 150 -2.99 22.95 15.29
C LYS B 150 -1.69 23.21 16.02
N ILE B 151 -0.57 22.81 15.43
CA ILE B 151 0.76 23.22 15.87
C ILE B 151 1.59 23.52 14.64
N PRO B 152 2.64 24.32 14.78
CA PRO B 152 3.52 24.58 13.64
C PRO B 152 4.18 23.30 13.13
N PHE B 153 4.11 23.11 11.82
CA PHE B 153 4.82 21.99 11.23
C PHE B 153 4.99 22.13 9.73
N THR B 154 6.20 21.86 9.24
CA THR B 154 6.51 21.96 7.82
C THR B 154 7.16 20.65 7.40
N ALA B 155 6.55 19.97 6.44
CA ALA B 155 7.19 18.81 5.84
C ALA B 155 8.30 19.25 4.89
N GLU B 156 9.42 18.51 4.88
CA GLU B 156 10.51 18.81 3.94
C GLU B 156 10.08 18.58 2.48
N TYR B 157 9.17 17.62 2.22
CA TYR B 157 8.78 17.29 0.85
C TYR B 157 7.26 17.17 0.78
N VAL B 158 6.65 17.86 -0.17
CA VAL B 158 5.20 17.97 -0.27
C VAL B 158 4.80 17.72 -1.72
N VAL B 159 4.01 16.68 -1.96
CA VAL B 159 3.54 16.40 -3.31
C VAL B 159 2.52 17.45 -3.75
N ALA B 160 1.48 17.68 -2.94
CA ALA B 160 0.43 18.63 -3.25
C ALA B 160 0.00 19.40 -2.00
N ASP B 161 -0.13 20.70 -2.15
CA ASP B 161 -0.65 21.62 -1.14
C ASP B 161 -2.13 21.87 -1.47
N VAL B 162 -3.02 21.49 -0.56
CA VAL B 162 -4.46 21.52 -0.81
C VAL B 162 -5.18 22.52 0.11
N PRO B 163 -6.18 23.26 -0.39
CA PRO B 163 -6.95 24.14 0.49
C PRO B 163 -7.99 23.36 1.28
N ASN B 164 -8.87 24.06 1.99
CA ASN B 164 -9.81 23.44 2.93
C ASN B 164 -11.02 22.82 2.21
N VAL B 165 -10.72 21.86 1.34
CA VAL B 165 -11.78 21.13 0.65
C VAL B 165 -11.62 19.67 1.04
N PHE B 166 -12.74 18.95 1.11
CA PHE B 166 -12.68 17.57 1.58
C PHE B 166 -12.52 16.62 0.40
N VAL B 167 -11.39 15.90 0.37
CA VAL B 167 -11.01 15.06 -0.75
C VAL B 167 -10.89 13.60 -0.30
N VAL B 168 -11.14 12.69 -1.25
CA VAL B 168 -10.92 11.26 -1.06
C VAL B 168 -10.10 10.74 -2.23
N GLY B 169 -9.63 9.51 -2.09
CA GLY B 169 -8.87 8.92 -3.18
C GLY B 169 -7.39 8.87 -2.86
N TYR B 170 -6.68 8.03 -3.62
CA TYR B 170 -5.23 7.87 -3.47
C TYR B 170 -4.86 7.54 -2.04
N GLY B 171 -5.64 6.64 -1.43
CA GLY B 171 -5.45 6.23 -0.06
C GLY B 171 -6.40 6.89 0.92
N LEU B 172 -6.87 8.11 0.60
CA LEU B 172 -7.72 8.86 1.51
C LEU B 172 -9.16 8.35 1.44
N ASP B 173 -9.77 8.16 2.61
CA ASP B 173 -11.08 7.55 2.70
C ASP B 173 -12.12 8.58 3.11
N TYR B 174 -13.38 8.23 2.88
CA TYR B 174 -14.50 8.72 3.65
C TYR B 174 -15.15 7.50 4.27
N ASP B 175 -15.20 7.48 5.61
CA ASP B 175 -15.67 6.32 6.37
C ASP B 175 -15.20 4.99 5.77
N GLN B 176 -13.92 4.90 5.40
CA GLN B 176 -13.23 3.67 4.99
C GLN B 176 -13.45 3.33 3.52
N SER B 177 -14.35 4.00 2.83
CA SER B 177 -14.54 3.86 1.39
C SER B 177 -13.74 4.90 0.61
N TYR B 178 -13.56 4.62 -0.68
CA TYR B 178 -12.98 5.50 -1.71
C TYR B 178 -11.46 5.58 -1.66
N ARG B 179 -10.79 4.81 -0.80
CA ARG B 179 -9.32 4.83 -0.84
C ARG B 179 -8.80 4.39 -2.19
N GLU B 180 -9.52 3.49 -2.87
CA GLU B 180 -9.05 2.91 -4.13
C GLU B 180 -9.18 3.85 -5.32
N VAL B 181 -9.85 4.99 -5.18
CA VAL B 181 -9.99 5.90 -6.31
C VAL B 181 -8.59 6.34 -6.72
N ARG B 182 -8.27 6.20 -8.01
CA ARG B 182 -6.91 6.45 -8.46
C ARG B 182 -6.54 7.93 -8.41
N ASP B 183 -7.52 8.81 -8.52
CA ASP B 183 -7.32 10.25 -8.44
C ASP B 183 -7.69 10.76 -7.05
N VAL B 184 -7.22 11.97 -6.74
CA VAL B 184 -7.67 12.68 -5.56
C VAL B 184 -8.83 13.57 -5.99
N VAL B 185 -10.00 13.35 -5.42
CA VAL B 185 -11.22 13.96 -5.91
C VAL B 185 -11.95 14.64 -4.75
N ILE B 186 -12.77 15.62 -5.10
CA ILE B 186 -13.53 16.40 -4.12
C ILE B 186 -14.87 15.70 -3.92
N LEU B 187 -15.08 15.15 -2.72
CA LEU B 187 -16.32 14.43 -2.40
C LEU B 187 -17.54 15.34 -2.49
N LYS B 188 -18.63 14.82 -3.06
CA LYS B 188 -19.88 15.57 -3.06
C LYS B 188 -20.36 15.78 -1.63
N PRO B 189 -20.76 16.99 -1.24
CA PRO B 189 -21.29 17.17 0.12
C PRO B 189 -22.46 16.26 0.41
N SER B 190 -23.28 15.97 -0.61
CA SER B 190 -24.46 15.15 -0.40
C SER B 190 -24.09 13.75 0.06
N VAL B 191 -22.91 13.27 -0.33
CA VAL B 191 -22.52 11.91 0.04
C VAL B 191 -22.31 11.81 1.54
N TYR B 192 -21.62 12.80 2.13
CA TYR B 192 -21.33 12.68 3.55
C TYR B 192 -22.42 13.23 4.44
N GLU B 193 -23.26 14.14 3.93
CA GLU B 193 -24.39 14.50 4.77
C GLU B 193 -25.47 13.44 4.70
N THR B 194 -25.58 12.72 3.59
CA THR B 194 -26.52 11.60 3.54
C THR B 194 -26.00 10.44 4.37
N TRP B 195 -24.72 10.08 4.23
CA TRP B 195 -24.17 8.98 5.00
C TRP B 195 -24.10 9.31 6.48
N GLY B 196 -23.63 10.52 6.79
CA GLY B 196 -23.63 10.95 8.18
C GLY B 196 -25.00 10.78 8.81
N LYS B 197 -26.04 11.25 8.12
CA LYS B 197 -27.39 11.08 8.63
C LYS B 197 -27.72 9.61 8.82
N GLU B 198 -27.34 8.77 7.85
CA GLU B 198 -27.62 7.34 7.97
C GLU B 198 -26.91 6.73 9.17
N LEU B 199 -25.64 7.07 9.37
CA LEU B 199 -24.92 6.56 10.53
C LEU B 199 -25.63 6.91 11.83
N GLU B 200 -26.49 7.92 11.83
CA GLU B 200 -27.22 8.28 13.04
C GLU B 200 -28.44 7.40 13.24
N ARG B 201 -29.19 7.13 12.17
CA ARG B 201 -30.31 6.18 12.26
C ARG B 201 -29.85 4.83 12.78
N ARG B 202 -28.55 4.55 12.75
CA ARG B 202 -28.04 3.28 13.23
C ARG B 202 -27.58 3.34 14.69
N LYS B 203 -27.26 4.53 15.19
CA LYS B 203 -26.85 4.68 16.58
C LYS B 203 -27.97 5.32 17.40
MG MG C . 6.72 -9.68 5.64
C13 KFF D . 3.19 -16.80 4.29
C20 KFF D . 8.84 -17.13 2.65
C22 KFF D . 9.19 -18.43 0.70
C24 KFF D . 9.66 -16.30 0.53
C26 KFF D . 10.43 -16.06 -1.86
C28 KFF D . 10.38 -14.02 -0.37
C05 KFF D . 7.31 -11.85 2.77
C06 KFF D . 7.20 -12.56 4.10
C08 KFF D . 8.42 -14.47 5.07
C09 KFF D . 8.55 -15.93 4.61
C11 KFF D . 5.70 -16.29 4.46
C12 KFF D . 4.51 -16.62 3.53
C19 KFF D . 7.36 -16.49 2.60
C25 KFF D . 9.90 -16.92 -0.68
C32 KFF D . 9.52 -16.14 3.68
N10 KFF D . 7.07 -16.26 3.88
N21 KFF D . 9.24 -17.25 1.35
N23 KFF D . 9.60 -18.22 -0.54
N27 KFF D . 10.64 -14.65 -1.66
N29 KFF D . 10.61 -12.56 -0.19
N30 KFF D . 9.88 -14.81 0.73
O01 KFF D . 6.42 -9.74 1.35
O03 KFF D . 4.76 -11.07 2.70
O04 KFF D . 6.33 -9.49 3.81
O07 KFF D . 7.88 -13.78 3.94
O15 KFF D . 4.20 -19.39 4.33
O16 KFF D . 2.28 -18.82 5.78
O17 KFF D . 2.02 -19.19 3.28
O18 KFF D . 5.53 -16.08 5.61
O31 KFF D . 10.64 -16.56 -2.89
P02 KFF D . 6.16 -10.44 2.65
P14 KFF D . 2.87 -18.64 4.40
H131 KFF D . 2.39 -16.32 3.76
H132 KFF D . 3.27 -16.38 5.28
H201 KFF D . 9.02 -18.12 3.07
H221 KFF D . 8.85 -19.40 1.14
H052 KFF D . 8.28 -11.50 2.64
H051 KFF D . 7.08 -12.52 2.00
H062 KFF D . 6.18 -12.74 4.36
H061 KFF D . 7.67 -11.98 4.87
H082 KFF D . 7.74 -14.41 5.92
H081 KFF D . 9.41 -14.06 5.34
H091 KFF D . 8.82 -16.59 5.42
H122 KFF D . 4.38 -15.79 2.82
H121 KFF D . 4.72 -17.55 2.99
H192 KFF D . 7.37 -15.56 2.03
H191 KFF D . 6.65 -17.19 2.17
H322 KFF D . 9.80 -15.21 3.18
H321 KFF D . 10.40 -16.61 4.13
H271 KFF D . 10.98 -14.09 -2.45
H292 KFF D . 10.96 -12.00 -0.97
H291 KFF D . 10.43 -12.15 0.70
MG MG E . -6.17 6.46 8.80
C13 KFF F . -3.23 13.47 10.48
C20 KFF F . -8.33 14.74 8.14
C22 KFF F . -8.46 16.69 6.80
C24 KFF F . -9.02 14.83 5.83
C26 KFF F . -9.62 15.57 3.51
C28 KFF F . -9.77 13.13 4.11
C05 KFF F . -7.02 9.50 6.42
C06 KFF F . -7.01 9.80 7.91
C08 KFF F . -8.28 11.27 9.35
C09 KFF F . -8.40 12.80 9.44
C11 KFF F . -5.62 13.04 9.86
C12 KFF F . -4.26 13.61 9.36
C19 KFF F . -6.91 14.00 7.97
C25 KFF F . -9.15 15.86 4.93
C32 KFF F . -9.19 13.47 8.58
N10 KFF F . -6.84 13.32 9.10
N21 KFF F . -8.61 15.36 6.96
N23 KFF F . -8.81 17.01 5.55
N27 KFF F . -9.92 14.22 3.14
N29 KFF F . -10.07 11.74 3.73
N30 KFF F . -9.32 13.39 5.46
O01 KFF F . -5.73 8.12 4.47
O03 KFF F . -4.41 8.82 6.41
O04 KFF F . -6.02 6.96 6.70
O07 KFF F . -7.76 10.97 8.07
O15 KFF F . -4.27 15.83 11.56
O16 KFF F . -2.36 14.79 12.71
O17 KFF F . -1.99 15.93 10.51
O18 KFF F . -5.68 12.40 10.85
O31 KFF F . -9.73 16.47 2.74
P02 KFF F . -5.75 8.27 5.98
P14 KFF F . -2.94 15.11 11.36
H131 KFF F . -2.31 13.12 10.07
H132 KFF F . -3.60 12.75 11.19
H201 KFF F . -8.45 15.50 8.89
H221 KFF F . -8.11 17.40 7.57
H052 KFF F . -7.96 9.12 6.16
H051 KFF F . -6.84 10.38 5.89
H062 KFF F . -5.99 9.96 8.26
H061 KFF F . -7.44 8.99 8.46
H082 KFF F . -7.59 10.90 10.13
H081 KFF F . -9.27 10.80 9.48
H091 KFF F . -8.86 13.05 10.39
H122 KFF F . -3.92 13.05 8.47
H121 KFF F . -4.37 14.68 9.10
H192 KFF F . -6.91 13.33 7.11
H191 KFF F . -6.10 14.72 7.90
H322 KFF F . -9.43 12.85 7.71
H321 KFF F . -10.11 13.80 9.08
H271 KFF F . -10.25 14.02 2.20
H292 KFF F . -10.39 11.55 2.78
H291 KFF F . -9.97 11.00 4.40
#